data_5B3N
#
_entry.id   5B3N
#
_cell.length_a   130.825
_cell.length_b   130.825
_cell.length_c   130.825
_cell.angle_alpha   90.000
_cell.angle_beta   90.000
_cell.angle_gamma   90.000
#
_symmetry.space_group_name_H-M   'P 41 3 2'
#
loop_
_entity.id
_entity.type
_entity.pdbx_description
1 polymer anti-H4K20me1_scFv
2 water water
#
_entity_poly.entity_id   1
_entity_poly.type   'polypeptide(L)'
_entity_poly.pdbx_seq_one_letter_code
;GSHMAEVKLVESGGGLVKPGGSLKLSCAASGFTFSSYAMSWVRQTPEKRLEWVATISSGGSYTYYPNTVKGRFTISRDNA
KNTLYLQMSSLRSEDTAIYYCARHGVRHRVDYFDYWGQGTTLTVSSGGGGSGGGGSGGGGSDIVLTQSPASLTVSLGQRA
TISCKASQSVDYDGDSYMNWYQQKPGQPPKLLIYAASNLESGIPARFSGSGSGTDFTLNIHPVEEEDAATYYCQQSNEDP
LTFGAGTKLEIKRAAA
;
_entity_poly.pdbx_strand_id   A
#
# COMPACT_ATOMS: atom_id res chain seq x y z
N GLU A 6 -8.35 -10.15 14.68
CA GLU A 6 -7.55 -10.23 15.90
C GLU A 6 -6.26 -9.43 15.76
N VAL A 7 -5.69 -9.45 14.56
CA VAL A 7 -4.54 -8.61 14.27
C VAL A 7 -5.00 -7.17 14.13
N LYS A 8 -4.39 -6.26 14.88
CA LYS A 8 -4.69 -4.84 14.69
C LYS A 8 -3.45 -3.97 14.77
N LEU A 9 -3.53 -2.86 14.06
CA LEU A 9 -2.47 -1.87 13.98
C LEU A 9 -3.14 -0.54 14.25
N VAL A 10 -2.72 0.16 15.30
CA VAL A 10 -3.34 1.42 15.62
C VAL A 10 -2.32 2.56 15.56
N GLU A 11 -2.46 3.43 14.55
CA GLU A 11 -1.56 4.58 14.44
C GLU A 11 -2.00 5.69 15.38
N SER A 12 -1.05 6.55 15.73
CA SER A 12 -1.36 7.78 16.43
C SER A 12 -0.28 8.81 16.14
N GLY A 13 -0.56 10.08 16.42
CA GLY A 13 0.46 11.11 16.36
C GLY A 13 0.28 12.11 15.25
N GLY A 14 -0.71 11.90 14.41
CA GLY A 14 -0.92 12.82 13.31
C GLY A 14 -1.35 14.19 13.78
N GLY A 15 -1.19 15.18 12.93
CA GLY A 15 -1.63 16.53 13.21
C GLY A 15 -1.08 17.54 12.22
N LEU A 16 -1.09 18.81 12.62
CA LEU A 16 -0.66 19.90 11.77
C LEU A 16 0.76 20.29 12.14
N VAL A 17 1.59 20.62 11.14
CA VAL A 17 2.98 20.98 11.39
C VAL A 17 3.39 22.10 10.46
N LYS A 18 4.09 23.12 10.99
CA LYS A 18 4.64 24.16 10.14
C LYS A 18 5.79 23.57 9.35
N PRO A 19 5.98 24.00 8.09
CA PRO A 19 7.12 23.58 7.28
C PRO A 19 8.43 23.71 8.05
N GLY A 20 9.30 22.70 7.95
CA GLY A 20 10.56 22.71 8.67
C GLY A 20 10.45 22.00 10.01
N GLY A 21 9.23 21.82 10.49
CA GLY A 21 9.02 21.23 11.80
C GLY A 21 9.19 19.72 11.76
N SER A 22 8.98 19.08 12.90
CA SER A 22 9.12 17.65 12.95
C SER A 22 7.90 17.00 13.61
N LEU A 23 7.72 15.70 13.38
CA LEU A 23 6.60 14.98 13.95
C LEU A 23 6.92 13.49 14.02
N LYS A 24 6.46 12.84 15.08
CA LYS A 24 6.71 11.42 15.26
C LYS A 24 5.40 10.64 15.29
N LEU A 25 5.23 9.71 14.35
CA LEU A 25 4.08 8.82 14.34
C LEU A 25 4.41 7.53 15.07
N SER A 26 3.38 6.90 15.65
CA SER A 26 3.50 5.61 16.32
C SER A 26 2.41 4.67 15.86
N CYS A 27 2.74 3.37 15.81
CA CYS A 27 1.76 2.33 15.54
C CYS A 27 1.89 1.28 16.61
N ALA A 28 0.80 1.05 17.34
CA ALA A 28 0.77 -0.01 18.35
C ALA A 28 0.24 -1.25 17.70
N ALA A 29 1.04 -2.31 17.71
CA ALA A 29 0.65 -3.57 17.11
C ALA A 29 0.12 -4.52 18.16
N SER A 30 -0.83 -5.36 17.79
CA SER A 30 -1.25 -6.45 18.66
C SER A 30 -1.94 -7.57 17.89
N GLY A 31 -2.01 -8.75 18.51
CA GLY A 31 -2.69 -9.88 17.91
C GLY A 31 -1.79 -10.66 16.97
N PHE A 32 -0.49 -10.41 17.05
CA PHE A 32 0.47 -11.18 16.27
C PHE A 32 1.88 -10.99 16.81
N THR A 33 2.80 -11.83 16.35
CA THR A 33 4.17 -11.79 16.83
C THR A 33 4.92 -10.71 16.04
N PHE A 34 4.89 -9.48 16.56
CA PHE A 34 5.40 -8.29 15.89
C PHE A 34 6.81 -8.48 15.33
N SER A 35 7.68 -9.08 16.13
CA SER A 35 9.10 -9.17 15.79
C SER A 35 9.36 -10.06 14.57
N SER A 36 8.33 -10.76 14.10
CA SER A 36 8.51 -11.71 13.01
C SER A 36 8.24 -11.09 11.64
N TYR A 37 7.76 -9.84 11.63
CA TYR A 37 7.30 -9.21 10.38
C TYR A 37 8.04 -7.92 10.03
N ALA A 38 8.41 -7.77 8.76
CA ALA A 38 8.86 -6.48 8.24
C ALA A 38 7.66 -5.51 8.24
N MET A 39 7.91 -4.24 8.50
CA MET A 39 6.84 -3.26 8.54
C MET A 39 7.16 -2.08 7.63
N SER A 40 6.12 -1.43 7.12
CA SER A 40 6.30 -0.22 6.32
C SER A 40 5.40 0.91 6.77
N TRP A 41 5.77 2.12 6.37
CA TRP A 41 4.82 3.22 6.33
C TRP A 41 4.48 3.50 4.88
N VAL A 42 3.21 3.74 4.61
CA VAL A 42 2.73 4.07 3.27
C VAL A 42 1.80 5.26 3.42
N ARG A 43 1.99 6.28 2.60
CA ARG A 43 1.11 7.44 2.72
C ARG A 43 0.19 7.57 1.51
N GLN A 44 -0.93 8.26 1.72
CA GLN A 44 -1.82 8.60 0.63
C GLN A 44 -2.01 10.12 0.56
N THR A 45 -1.55 10.72 -0.53
CA THR A 45 -1.62 12.17 -0.77
C THR A 45 -3.05 12.69 -0.98
N PRO A 46 -3.26 14.03 -0.87
CA PRO A 46 -4.60 14.57 -1.13
C PRO A 46 -5.12 14.18 -2.51
N GLU A 47 -4.22 13.96 -3.46
CA GLU A 47 -4.60 13.54 -4.81
C GLU A 47 -4.87 12.03 -4.91
N LYS A 48 -4.92 11.36 -3.75
CA LYS A 48 -5.20 9.93 -3.65
C LYS A 48 -4.12 9.01 -4.27
N ARG A 49 -2.91 9.52 -4.47
CA ARG A 49 -1.77 8.66 -4.81
C ARG A 49 -1.29 7.93 -3.57
N LEU A 50 -1.08 6.63 -3.68
CA LEU A 50 -0.36 5.91 -2.65
C LEU A 50 1.14 5.99 -2.90
N GLU A 51 1.89 6.29 -1.85
CA GLU A 51 3.34 6.43 -1.93
C GLU A 51 3.98 5.69 -0.77
N TRP A 52 4.90 4.79 -1.09
CA TRP A 52 5.64 4.07 -0.06
C TRP A 52 6.61 5.03 0.59
N VAL A 53 6.72 4.99 1.92
CA VAL A 53 7.51 5.97 2.65
C VAL A 53 8.75 5.35 3.32
N ALA A 54 8.63 4.13 3.82
CA ALA A 54 9.76 3.50 4.49
C ALA A 54 9.48 2.04 4.84
N THR A 55 10.53 1.23 4.85
CA THR A 55 10.41 -0.14 5.31
C THR A 55 11.49 -0.43 6.35
N ILE A 56 11.15 -1.21 7.37
CA ILE A 56 12.15 -1.71 8.32
C ILE A 56 12.03 -3.22 8.45
N SER A 57 13.16 -3.91 8.48
CA SER A 57 13.18 -5.37 8.54
C SER A 57 12.66 -5.83 9.90
N SER A 58 12.37 -7.14 10.00
CA SER A 58 11.79 -7.71 11.20
C SER A 58 12.67 -7.46 12.45
N GLY A 59 13.98 -7.57 12.28
CA GLY A 59 14.90 -7.37 13.39
C GLY A 59 15.39 -5.94 13.55
N GLY A 60 15.08 -5.08 12.58
CA GLY A 60 15.45 -3.68 12.67
C GLY A 60 16.76 -3.31 11.99
N SER A 61 17.50 -4.29 11.49
CA SER A 61 18.84 -3.97 10.99
C SER A 61 18.81 -3.27 9.65
N TYR A 62 17.71 -3.42 8.94
CA TYR A 62 17.63 -2.85 7.60
C TYR A 62 16.47 -1.87 7.51
N THR A 63 16.77 -0.69 6.98
CA THR A 63 15.74 0.30 6.74
C THR A 63 15.87 0.76 5.31
N TYR A 64 14.74 0.99 4.66
CA TYR A 64 14.78 1.49 3.30
C TYR A 64 13.86 2.69 3.12
N TYR A 65 14.29 3.65 2.28
CA TYR A 65 13.48 4.82 2.00
C TYR A 65 13.56 5.17 0.52
N PRO A 66 12.50 5.81 -0.01
CA PRO A 66 12.61 6.47 -1.30
C PRO A 66 13.41 7.76 -1.17
N ASN A 67 13.99 8.24 -2.26
CA ASN A 67 14.78 9.46 -2.23
C ASN A 67 14.00 10.70 -1.78
N THR A 68 12.69 10.70 -2.01
CA THR A 68 11.89 11.83 -1.58
C THR A 68 11.94 12.10 -0.07
N VAL A 69 12.15 11.08 0.77
CA VAL A 69 12.16 11.32 2.21
C VAL A 69 13.47 10.91 2.88
N LYS A 70 14.39 10.36 2.09
CA LYS A 70 15.70 9.95 2.60
C LYS A 70 16.40 11.12 3.30
N GLY A 71 16.85 10.87 4.52
CA GLY A 71 17.57 11.88 5.28
C GLY A 71 16.66 12.70 6.16
N ARG A 72 15.36 12.68 5.89
CA ARG A 72 14.38 13.41 6.70
C ARG A 72 13.52 12.50 7.57
N PHE A 73 13.25 11.28 7.10
CA PHE A 73 12.42 10.34 7.84
C PHE A 73 13.25 9.21 8.42
N THR A 74 12.89 8.77 9.62
CA THR A 74 13.56 7.64 10.23
C THR A 74 12.50 6.66 10.70
N ILE A 75 12.50 5.46 10.14
CA ILE A 75 11.61 4.42 10.63
C ILE A 75 12.38 3.61 11.67
N SER A 76 11.69 3.19 12.73
CA SER A 76 12.32 2.40 13.77
C SER A 76 11.27 1.54 14.44
N ARG A 77 11.71 0.55 15.22
CA ARG A 77 10.75 -0.31 15.92
C ARG A 77 11.23 -0.66 17.32
N ASP A 78 10.29 -1.07 18.16
CA ASP A 78 10.58 -1.59 19.48
C ASP A 78 9.89 -2.95 19.62
N ASN A 79 10.63 -4.02 19.40
CA ASN A 79 10.02 -5.36 19.34
C ASN A 79 9.56 -5.83 20.72
N ALA A 80 10.10 -5.20 21.77
CA ALA A 80 9.66 -5.47 23.13
C ALA A 80 8.29 -4.85 23.40
N LYS A 81 8.09 -3.64 22.88
CA LYS A 81 6.86 -2.88 23.12
C LYS A 81 5.82 -3.08 22.03
N ASN A 82 6.15 -3.88 21.02
CA ASN A 82 5.29 -4.05 19.85
C ASN A 82 4.88 -2.74 19.18
N THR A 83 5.82 -1.81 19.06
CA THR A 83 5.51 -0.50 18.49
C THR A 83 6.41 -0.17 17.31
N LEU A 84 5.82 0.44 16.29
CA LEU A 84 6.54 0.91 15.11
C LEU A 84 6.52 2.43 15.13
N TYR A 85 7.61 3.06 14.68
CA TYR A 85 7.71 4.51 14.69
C TYR A 85 8.10 5.11 13.35
N LEU A 86 7.65 6.34 13.12
CA LEU A 86 8.15 7.12 12.00
C LEU A 86 8.47 8.52 12.50
N GLN A 87 9.76 8.83 12.60
CA GLN A 87 10.19 10.15 12.99
C GLN A 87 10.38 11.00 11.74
N MET A 88 9.66 12.11 11.66
CA MET A 88 9.72 12.96 10.48
C MET A 88 10.31 14.31 10.83
N SER A 89 11.18 14.84 9.98
CA SER A 89 11.73 16.15 10.21
C SER A 89 11.87 16.89 8.89
N SER A 90 12.17 18.20 8.99
CA SER A 90 12.24 19.04 7.80
C SER A 90 11.01 18.87 6.92
N LEU A 91 9.84 18.83 7.56
CA LEU A 91 8.62 18.53 6.85
C LEU A 91 8.31 19.60 5.81
N ARG A 92 7.82 19.15 4.64
CA ARG A 92 7.45 20.04 3.55
C ARG A 92 5.99 19.83 3.14
N SER A 93 5.46 20.76 2.36
CA SER A 93 4.11 20.65 1.81
C SER A 93 3.79 19.28 1.20
N GLU A 94 4.73 18.74 0.41
CA GLU A 94 4.50 17.46 -0.29
C GLU A 94 4.29 16.31 0.67
N ASP A 95 4.68 16.48 1.93
CA ASP A 95 4.54 15.39 2.89
C ASP A 95 3.12 15.26 3.38
N THR A 96 2.27 16.23 3.05
CA THR A 96 0.87 16.21 3.49
C THR A 96 0.16 14.96 2.96
N ALA A 97 -0.37 14.14 3.87
CA ALA A 97 -0.92 12.84 3.49
C ALA A 97 -1.54 12.15 4.67
N ILE A 98 -2.33 11.12 4.40
CA ILE A 98 -2.71 10.16 5.43
C ILE A 98 -1.59 9.12 5.48
N TYR A 99 -1.10 8.82 6.68
CA TYR A 99 0.01 7.87 6.83
C TYR A 99 -0.50 6.60 7.45
N TYR A 100 -0.26 5.47 6.76
CA TYR A 100 -0.65 4.15 7.27
C TYR A 100 0.58 3.32 7.62
N CYS A 101 0.49 2.50 8.66
CA CYS A 101 1.46 1.44 8.81
C CYS A 101 0.89 0.20 8.14
N ALA A 102 1.79 -0.66 7.69
CA ALA A 102 1.38 -1.84 6.95
C ALA A 102 2.36 -2.97 7.21
N ARG A 103 1.81 -4.14 7.48
CA ARG A 103 2.60 -5.32 7.75
C ARG A 103 2.92 -6.03 6.44
N HIS A 104 4.17 -6.48 6.27
CA HIS A 104 4.55 -7.34 5.14
C HIS A 104 4.16 -8.78 5.47
N GLY A 105 3.27 -9.38 4.69
CA GLY A 105 2.84 -10.75 4.93
C GLY A 105 3.96 -11.76 4.72
N VAL A 106 3.81 -12.95 5.32
CA VAL A 106 4.79 -14.02 5.20
C VAL A 106 4.17 -15.31 4.66
N ARG A 107 2.84 -15.33 4.53
CA ARG A 107 2.11 -16.52 4.09
C ARG A 107 2.34 -16.89 2.61
N HIS A 108 2.98 -16.01 1.85
CA HIS A 108 3.28 -16.31 0.46
C HIS A 108 4.68 -15.80 0.15
N ARG A 109 5.30 -16.35 -0.89
CA ARG A 109 6.69 -16.01 -1.24
C ARG A 109 6.87 -14.55 -1.63
N VAL A 110 5.91 -14.03 -2.38
CA VAL A 110 5.98 -12.69 -2.90
C VAL A 110 5.74 -11.69 -1.77
N ASP A 111 6.36 -10.52 -1.87
CA ASP A 111 6.12 -9.46 -0.91
C ASP A 111 4.80 -8.72 -1.13
N TYR A 112 4.06 -8.46 -0.06
CA TYR A 112 2.75 -7.82 -0.15
C TYR A 112 2.37 -7.22 1.21
N PHE A 113 1.42 -6.31 1.23
CA PHE A 113 0.95 -5.77 2.53
C PHE A 113 -0.37 -6.40 2.91
N ASP A 114 -0.43 -7.16 4.00
CA ASP A 114 -1.71 -7.81 4.33
C ASP A 114 -2.55 -7.05 5.36
N TYR A 115 -1.95 -6.53 6.42
CA TYR A 115 -2.72 -5.74 7.38
C TYR A 115 -2.26 -4.28 7.41
N TRP A 116 -3.24 -3.37 7.51
CA TRP A 116 -2.98 -1.94 7.55
C TRP A 116 -3.63 -1.30 8.77
N GLY A 117 -3.01 -0.25 9.29
CA GLY A 117 -3.63 0.54 10.34
C GLY A 117 -4.69 1.45 9.75
N GLN A 118 -5.41 2.18 10.61
CA GLN A 118 -6.48 3.05 10.15
C GLN A 118 -5.96 4.36 9.56
N GLY A 119 -4.71 4.69 9.84
CA GLY A 119 -4.12 5.90 9.32
C GLY A 119 -4.22 7.08 10.27
N THR A 120 -3.19 7.92 10.28
CA THR A 120 -3.25 9.25 10.89
C THR A 120 -2.85 10.28 9.87
N THR A 121 -3.42 11.46 9.98
CA THR A 121 -3.21 12.48 8.97
C THR A 121 -2.11 13.46 9.38
N LEU A 122 -1.26 13.78 8.42
CA LEU A 122 -0.29 14.83 8.58
C LEU A 122 -0.67 15.95 7.63
N THR A 123 -0.79 17.15 8.18
CA THR A 123 -0.96 18.33 7.33
C THR A 123 0.21 19.27 7.59
N VAL A 124 0.93 19.60 6.54
CA VAL A 124 2.04 20.54 6.69
C VAL A 124 1.63 21.86 6.09
N SER A 125 1.63 22.89 6.92
CA SER A 125 1.30 24.25 6.52
C SER A 125 1.55 25.21 7.68
N SER A 141 15.25 4.92 -12.97
CA SER A 141 15.04 3.48 -13.12
C SER A 141 14.11 2.92 -12.03
N ASP A 142 13.31 3.79 -11.43
CA ASP A 142 12.16 3.34 -10.62
C ASP A 142 11.17 2.65 -11.54
N ILE A 143 10.47 1.64 -11.03
CA ILE A 143 9.46 0.98 -11.84
C ILE A 143 8.19 1.81 -11.83
N VAL A 144 7.79 2.31 -13.00
CA VAL A 144 6.55 3.06 -13.11
C VAL A 144 5.39 2.15 -13.50
N LEU A 145 4.30 2.18 -12.73
CA LEU A 145 3.12 1.42 -13.09
C LEU A 145 2.10 2.34 -13.73
N THR A 146 1.79 2.06 -14.99
CA THR A 146 0.74 2.79 -15.69
C THR A 146 -0.57 2.01 -15.65
N GLN A 147 -1.45 2.45 -14.77
CA GLN A 147 -2.78 1.89 -14.58
C GLN A 147 -3.89 2.62 -15.30
N SER A 148 -4.78 1.85 -15.89
CA SER A 148 -5.84 2.39 -16.72
C SER A 148 -7.05 1.47 -16.71
N PRO A 149 -8.25 2.05 -16.89
CA PRO A 149 -8.48 3.50 -17.00
C PRO A 149 -8.40 4.16 -15.63
N ALA A 150 -8.28 5.49 -15.59
CA ALA A 150 -8.22 6.21 -14.31
C ALA A 150 -9.58 6.21 -13.66
N SER A 151 -10.60 6.15 -14.51
CA SER A 151 -11.98 6.22 -14.05
C SER A 151 -12.83 5.15 -14.76
N LEU A 152 -13.75 4.56 -14.02
CA LEU A 152 -14.48 3.41 -14.52
C LEU A 152 -15.89 3.41 -13.93
N THR A 153 -16.90 3.44 -14.78
CA THR A 153 -18.27 3.25 -14.32
C THR A 153 -18.84 1.96 -14.90
N VAL A 154 -19.42 1.11 -14.06
CA VAL A 154 -19.98 -0.13 -14.53
C VAL A 154 -21.38 -0.28 -13.99
N SER A 155 -22.22 -1.01 -14.71
CA SER A 155 -23.55 -1.31 -14.21
C SER A 155 -23.49 -2.61 -13.45
N LEU A 156 -24.36 -2.73 -12.46
CA LEU A 156 -24.46 -3.90 -11.63
C LEU A 156 -24.61 -5.19 -12.44
N GLY A 157 -23.80 -6.19 -12.14
CA GLY A 157 -23.82 -7.43 -12.90
C GLY A 157 -22.87 -7.47 -14.09
N GLN A 158 -22.30 -6.33 -14.47
CA GLN A 158 -21.37 -6.31 -15.59
C GLN A 158 -19.94 -6.61 -15.17
N ARG A 159 -18.99 -6.53 -16.10
CA ARG A 159 -17.60 -6.81 -15.80
C ARG A 159 -16.77 -5.52 -15.79
N ALA A 160 -15.85 -5.44 -14.82
CA ALA A 160 -14.86 -4.36 -14.80
C ALA A 160 -13.48 -4.94 -15.04
N THR A 161 -12.69 -4.24 -15.86
CA THR A 161 -11.35 -4.69 -16.19
C THR A 161 -10.33 -3.55 -16.01
N ILE A 162 -9.41 -3.73 -15.08
CA ILE A 162 -8.42 -2.71 -14.81
C ILE A 162 -7.04 -3.21 -15.21
N SER A 163 -6.30 -2.37 -15.92
CA SER A 163 -5.02 -2.80 -16.48
C SER A 163 -3.80 -2.13 -15.85
N CYS A 164 -2.72 -2.88 -15.71
CA CYS A 164 -1.44 -2.32 -15.27
C CYS A 164 -0.40 -2.60 -16.34
N LYS A 165 0.22 -1.54 -16.85
CA LYS A 165 1.40 -1.70 -17.68
C LYS A 165 2.62 -1.25 -16.88
N ALA A 166 3.52 -2.17 -16.56
CA ALA A 166 4.75 -1.83 -15.83
C ALA A 166 5.87 -1.39 -16.78
N SER A 167 6.72 -0.47 -16.34
CA SER A 167 7.78 0.06 -17.20
C SER A 167 8.95 -0.91 -17.39
N GLN A 168 9.01 -1.93 -16.54
CA GLN A 168 9.94 -3.04 -16.72
C GLN A 168 9.34 -4.27 -16.04
N SER A 169 9.81 -5.45 -16.41
CA SER A 169 9.29 -6.69 -15.85
C SER A 169 9.34 -6.69 -14.34
N VAL A 170 8.29 -7.18 -13.68
CA VAL A 170 8.32 -7.29 -12.23
C VAL A 170 8.46 -8.75 -11.79
N ASP A 171 8.98 -9.59 -12.69
CA ASP A 171 9.19 -10.98 -12.37
C ASP A 171 10.49 -11.16 -11.61
N TYR A 172 10.51 -12.13 -10.69
CA TYR A 172 11.73 -12.56 -10.04
C TYR A 172 11.68 -14.08 -9.85
N ASP A 173 12.64 -14.79 -10.44
CA ASP A 173 12.75 -16.26 -10.35
C ASP A 173 11.42 -17.00 -10.52
N GLY A 174 10.62 -16.61 -11.51
CA GLY A 174 9.41 -17.35 -11.83
C GLY A 174 8.11 -16.86 -11.22
N ASP A 175 8.16 -15.81 -10.40
CA ASP A 175 6.95 -15.22 -9.83
C ASP A 175 6.81 -13.75 -10.22
N SER A 176 5.59 -13.27 -10.35
CA SER A 176 5.34 -11.87 -10.68
C SER A 176 4.99 -11.08 -9.43
N TYR A 177 5.81 -10.08 -9.09
CA TYR A 177 5.63 -9.35 -7.83
C TYR A 177 4.68 -8.19 -8.01
N MET A 178 3.43 -8.55 -8.32
CA MET A 178 2.37 -7.59 -8.60
C MET A 178 1.22 -7.90 -7.65
N ASN A 179 0.70 -6.87 -6.99
CA ASN A 179 -0.42 -7.00 -6.06
C ASN A 179 -1.54 -6.04 -6.42
N TRP A 180 -2.77 -6.37 -6.04
CA TRP A 180 -3.88 -5.45 -6.24
C TRP A 180 -4.57 -5.14 -4.92
N TYR A 181 -4.87 -3.86 -4.69
CA TYR A 181 -5.57 -3.45 -3.48
C TYR A 181 -6.87 -2.74 -3.80
N GLN A 182 -7.85 -2.93 -2.92
CA GLN A 182 -9.10 -2.19 -2.93
C GLN A 182 -9.14 -1.19 -1.78
N GLN A 183 -9.53 0.04 -2.07
CA GLN A 183 -9.70 1.01 -0.98
C GLN A 183 -11.02 1.76 -1.04
N LYS A 184 -11.81 1.61 0.03
CA LYS A 184 -13.03 2.39 0.19
C LYS A 184 -12.71 3.63 1.04
N PRO A 185 -13.37 4.75 0.76
CA PRO A 185 -13.03 6.03 1.40
C PRO A 185 -13.07 5.99 2.94
N GLY A 186 -12.11 6.65 3.59
CA GLY A 186 -12.01 6.61 5.04
C GLY A 186 -11.41 5.32 5.61
N GLN A 187 -11.10 4.36 4.75
CA GLN A 187 -10.53 3.09 5.18
C GLN A 187 -9.15 2.91 4.55
N PRO A 188 -8.29 2.05 5.12
CA PRO A 188 -7.00 1.72 4.50
C PRO A 188 -7.18 0.81 3.28
N PRO A 189 -6.15 0.68 2.44
CA PRO A 189 -6.26 -0.29 1.34
C PRO A 189 -6.42 -1.70 1.86
N LYS A 190 -6.98 -2.55 1.01
CA LYS A 190 -7.25 -3.94 1.35
C LYS A 190 -6.71 -4.84 0.24
N LEU A 191 -5.80 -5.74 0.58
CA LEU A 191 -5.25 -6.67 -0.39
C LEU A 191 -6.30 -7.57 -1.04
N LEU A 192 -6.35 -7.59 -2.37
CA LEU A 192 -7.26 -8.49 -3.09
C LEU A 192 -6.52 -9.65 -3.74
N ILE A 193 -5.42 -9.31 -4.41
CA ILE A 193 -4.66 -10.26 -5.21
C ILE A 193 -3.19 -10.10 -4.89
N TYR A 194 -2.46 -11.19 -4.72
CA TYR A 194 -1.02 -11.10 -4.52
C TYR A 194 -0.33 -11.94 -5.58
N ALA A 195 0.90 -11.60 -5.95
CA ALA A 195 1.66 -12.37 -6.94
C ALA A 195 0.89 -12.54 -8.25
N ALA A 196 0.21 -11.46 -8.65
CA ALA A 196 -0.44 -11.31 -9.95
C ALA A 196 -1.74 -12.10 -10.09
N SER A 197 -1.77 -13.33 -9.59
CA SER A 197 -2.87 -14.25 -9.90
C SER A 197 -3.61 -14.79 -8.71
N ASN A 198 -3.08 -14.58 -7.51
CA ASN A 198 -3.59 -15.31 -6.36
C ASN A 198 -4.55 -14.51 -5.49
N LEU A 199 -5.72 -15.10 -5.28
CA LEU A 199 -6.77 -14.55 -4.43
C LEU A 199 -6.43 -14.63 -2.96
N GLU A 200 -6.37 -13.49 -2.28
CA GLU A 200 -6.17 -13.48 -0.83
C GLU A 200 -7.36 -14.14 -0.11
N SER A 201 -7.08 -14.83 1.00
CA SER A 201 -8.13 -15.44 1.82
C SER A 201 -9.22 -14.44 2.18
N GLY A 202 -10.47 -14.84 2.00
CA GLY A 202 -11.59 -14.01 2.41
C GLY A 202 -12.07 -13.05 1.33
N ILE A 203 -11.45 -13.11 0.16
CA ILE A 203 -11.83 -12.27 -0.96
C ILE A 203 -12.66 -13.08 -1.94
N PRO A 204 -13.84 -12.58 -2.32
CA PRO A 204 -14.72 -13.38 -3.19
C PRO A 204 -14.13 -13.63 -4.58
N ALA A 205 -14.55 -14.73 -5.18
CA ALA A 205 -13.96 -15.23 -6.41
C ALA A 205 -14.31 -14.41 -7.66
N ARG A 206 -15.19 -13.43 -7.51
CA ARG A 206 -15.52 -12.61 -8.66
C ARG A 206 -14.38 -11.62 -8.95
N PHE A 207 -13.43 -11.55 -8.01
CA PHE A 207 -12.16 -10.88 -8.24
C PHE A 207 -11.15 -11.88 -8.78
N SER A 208 -10.42 -11.50 -9.82
CA SER A 208 -9.37 -12.35 -10.33
C SER A 208 -8.29 -11.50 -10.94
N GLY A 209 -7.07 -12.02 -10.96
CA GLY A 209 -5.93 -11.27 -11.43
C GLY A 209 -5.17 -12.10 -12.44
N SER A 210 -4.52 -11.42 -13.38
CA SER A 210 -3.86 -12.14 -14.47
C SER A 210 -2.66 -11.36 -14.97
N GLY A 211 -1.74 -12.07 -15.62
CA GLY A 211 -0.61 -11.43 -16.25
C GLY A 211 0.74 -11.85 -15.72
N SER A 212 1.77 -11.29 -16.34
CA SER A 212 3.15 -11.67 -16.07
C SER A 212 4.05 -10.62 -16.74
N GLY A 213 5.33 -10.56 -16.37
CA GLY A 213 6.25 -9.64 -17.01
C GLY A 213 5.87 -8.19 -16.76
N THR A 214 5.24 -7.52 -17.73
CA THR A 214 4.87 -6.12 -17.58
C THR A 214 3.38 -5.81 -17.74
N ASP A 215 2.58 -6.81 -18.06
CA ASP A 215 1.17 -6.59 -18.37
C ASP A 215 0.30 -7.37 -17.43
N PHE A 216 -0.58 -6.66 -16.73
CA PHE A 216 -1.39 -7.25 -15.69
C PHE A 216 -2.81 -6.72 -15.71
N THR A 217 -3.73 -7.56 -15.29
CA THR A 217 -5.15 -7.25 -15.31
C THR A 217 -5.76 -7.60 -13.96
N LEU A 218 -6.60 -6.70 -13.45
CA LEU A 218 -7.51 -7.05 -12.37
C LEU A 218 -8.91 -7.13 -12.95
N ASN A 219 -9.57 -8.26 -12.76
CA ASN A 219 -10.92 -8.42 -13.26
C ASN A 219 -11.95 -8.53 -12.14
N ILE A 220 -13.06 -7.84 -12.32
CA ILE A 220 -14.20 -7.99 -11.41
C ILE A 220 -15.46 -8.34 -12.19
N HIS A 221 -16.03 -9.50 -11.89
CA HIS A 221 -17.26 -9.94 -12.57
C HIS A 221 -17.95 -11.08 -11.85
N PRO A 222 -19.26 -10.94 -11.59
CA PRO A 222 -20.09 -9.76 -11.82
C PRO A 222 -19.90 -8.69 -10.74
N VAL A 223 -19.82 -7.43 -11.16
CA VAL A 223 -19.68 -6.34 -10.21
C VAL A 223 -20.91 -6.21 -9.31
N GLU A 224 -20.67 -6.14 -8.01
CA GLU A 224 -21.72 -5.95 -7.02
C GLU A 224 -21.67 -4.52 -6.51
N GLU A 225 -22.69 -4.14 -5.75
CA GLU A 225 -22.80 -2.77 -5.24
C GLU A 225 -21.60 -2.37 -4.37
N GLU A 226 -21.15 -3.28 -3.52
CA GLU A 226 -20.10 -2.97 -2.57
C GLU A 226 -18.69 -3.02 -3.18
N ASP A 227 -18.61 -3.09 -4.50
CA ASP A 227 -17.32 -3.03 -5.19
C ASP A 227 -16.94 -1.62 -5.56
N ALA A 228 -17.83 -0.67 -5.28
CA ALA A 228 -17.49 0.74 -5.50
C ALA A 228 -16.34 1.12 -4.58
N ALA A 229 -15.25 1.60 -5.17
CA ALA A 229 -13.99 1.77 -4.46
C ALA A 229 -12.92 2.28 -5.41
N THR A 230 -11.77 2.63 -4.86
CA THR A 230 -10.62 2.87 -5.72
C THR A 230 -9.67 1.66 -5.65
N TYR A 231 -9.18 1.24 -6.81
CA TYR A 231 -8.31 0.08 -6.91
C TYR A 231 -6.90 0.50 -7.30
N TYR A 232 -5.91 -0.15 -6.70
CA TYR A 232 -4.49 0.15 -6.94
C TYR A 232 -3.71 -1.11 -7.26
N CYS A 233 -2.80 -1.02 -8.22
CA CYS A 233 -1.79 -2.06 -8.41
C CYS A 233 -0.51 -1.61 -7.69
N GLN A 234 0.33 -2.56 -7.36
CA GLN A 234 1.55 -2.28 -6.62
C GLN A 234 2.59 -3.33 -6.98
N GLN A 235 3.81 -2.90 -7.27
CA GLN A 235 4.89 -3.86 -7.47
C GLN A 235 5.78 -3.90 -6.24
N SER A 236 6.26 -5.10 -5.91
CA SER A 236 7.18 -5.31 -4.79
C SER A 236 8.45 -5.97 -5.29
N ASN A 237 8.72 -5.81 -6.58
CA ASN A 237 9.87 -6.43 -7.21
C ASN A 237 11.15 -5.74 -6.74
N GLU A 238 11.10 -4.42 -6.67
CA GLU A 238 12.26 -3.57 -6.39
C GLU A 238 11.88 -2.38 -5.50
N ASP A 239 12.82 -1.92 -4.66
CA ASP A 239 12.69 -0.61 -4.03
C ASP A 239 13.06 0.47 -5.04
N PRO A 240 12.34 1.60 -5.04
CA PRO A 240 11.19 1.89 -4.17
C PRO A 240 9.95 1.12 -4.58
N LEU A 241 9.21 0.60 -3.61
CA LEU A 241 7.90 0.04 -3.92
C LEU A 241 7.09 1.15 -4.59
N THR A 242 6.34 0.81 -5.63
CA THR A 242 5.54 1.81 -6.34
C THR A 242 4.13 1.31 -6.56
N PHE A 243 3.20 2.26 -6.70
CA PHE A 243 1.79 1.97 -6.92
C PHE A 243 1.33 2.58 -8.23
N GLY A 244 0.30 2.01 -8.84
CA GLY A 244 -0.37 2.68 -9.94
C GLY A 244 -1.15 3.87 -9.39
N ALA A 245 -1.54 4.79 -10.27
CA ALA A 245 -2.23 6.01 -9.84
C ALA A 245 -3.63 5.74 -9.27
N GLY A 246 -4.21 4.60 -9.59
CA GLY A 246 -5.52 4.26 -9.07
C GLY A 246 -6.60 4.29 -10.12
N THR A 247 -7.64 3.49 -9.89
CA THR A 247 -8.82 3.45 -10.73
C THR A 247 -10.04 3.57 -9.84
N LYS A 248 -10.77 4.66 -10.00
CA LYS A 248 -11.98 4.85 -9.19
C LYS A 248 -13.14 4.16 -9.87
N LEU A 249 -13.73 3.19 -9.19
CA LEU A 249 -14.78 2.39 -9.79
C LEU A 249 -16.12 2.79 -9.24
N GLU A 250 -16.99 3.28 -10.12
CA GLU A 250 -18.34 3.70 -9.72
C GLU A 250 -19.41 2.80 -10.32
N ILE A 251 -20.50 2.61 -9.58
CA ILE A 251 -21.58 1.70 -9.99
C ILE A 251 -22.88 2.41 -10.41
N LYS A 252 -23.54 1.83 -11.43
CA LYS A 252 -24.85 2.25 -11.97
C LYS A 252 -24.84 3.65 -12.57
#